data_2IYK
#
_entry.id   2IYK
#
_cell.length_a   64.560
_cell.length_b   72.980
_cell.length_c   73.210
_cell.angle_alpha   90.00
_cell.angle_beta   90.00
_cell.angle_gamma   90.00
#
_symmetry.space_group_name_H-M   'P 21 21 21'
#
loop_
_entity.id
_entity.type
_entity.pdbx_description
1 polymer 'REGULATOR OF NONSENSE TRANSCRIPTS 1'
2 non-polymer 'ZINC ION'
#
_entity_poly.entity_id   1
_entity_poly.type   'polypeptide(L)'
_entity_poly.pdbx_seq_one_letter_code
;GAMGTKDLPIHACSYCGIHDPACVVYCNTSKKWFCNGRGNTSGSHIVNHLVRAKCKEVTLHKDGPLGETVLECYNCGCRN
VFLLGFIPAKADSVVVLLCRQPCASQSSLKDINWDSSQWQPLIQDRCFLSWLVKIPSEQEQLRARQITAQQINKLEELWK
EN
;
_entity_poly.pdbx_strand_id   A,B
#
loop_
_chem_comp.id
_chem_comp.type
_chem_comp.name
_chem_comp.formula
ZN non-polymer 'ZINC ION' 'Zn 2'
#
# COMPACT_ATOMS: atom_id res chain seq x y z
N LEU A 8 -6.40 -26.42 -8.19
CA LEU A 8 -6.48 -25.08 -7.54
C LEU A 8 -6.74 -25.24 -6.04
N PRO A 9 -5.87 -24.68 -5.19
CA PRO A 9 -5.85 -24.96 -3.76
C PRO A 9 -7.05 -24.37 -3.02
N ILE A 10 -7.24 -24.80 -1.77
CA ILE A 10 -8.40 -24.38 -1.00
C ILE A 10 -8.36 -22.88 -0.69
N HIS A 11 -7.16 -22.32 -0.62
CA HIS A 11 -6.98 -20.92 -0.21
C HIS A 11 -6.85 -19.96 -1.39
N ALA A 12 -7.28 -20.39 -2.59
CA ALA A 12 -7.28 -19.54 -3.76
C ALA A 12 -8.37 -18.48 -3.63
N CYS A 13 -8.06 -17.27 -4.09
CA CYS A 13 -9.02 -16.18 -4.11
C CYS A 13 -10.33 -16.61 -4.77
N SER A 14 -11.44 -16.41 -4.09
CA SER A 14 -12.75 -16.78 -4.60
C SER A 14 -13.22 -15.93 -5.79
N TYR A 15 -12.48 -14.86 -6.10
CA TYR A 15 -12.80 -14.00 -7.24
C TYR A 15 -11.98 -14.36 -8.49
N CYS A 16 -10.65 -14.41 -8.32
CA CYS A 16 -9.74 -14.49 -9.44
C CYS A 16 -8.94 -15.78 -9.49
N GLY A 17 -8.73 -16.41 -8.33
CA GLY A 17 -7.98 -17.67 -8.27
C GLY A 17 -6.49 -17.59 -7.92
N ILE A 18 -5.99 -16.41 -7.59
CA ILE A 18 -4.64 -16.25 -7.04
C ILE A 18 -4.53 -17.08 -5.75
N HIS A 19 -3.47 -17.87 -5.64
CA HIS A 19 -3.29 -18.74 -4.49
C HIS A 19 -1.95 -18.63 -3.75
N ASP A 20 -1.23 -17.55 -3.96
CA ASP A 20 -0.02 -17.28 -3.18
C ASP A 20 -0.42 -17.08 -1.71
N PRO A 21 0.05 -17.97 -0.81
CA PRO A 21 -0.35 -17.96 0.62
C PRO A 21 -0.16 -16.58 1.28
N ALA A 22 0.82 -15.81 0.82
CA ALA A 22 1.10 -14.51 1.41
C ALA A 22 0.08 -13.44 0.98
N CYS A 23 -0.68 -13.72 -0.08
CA CYS A 23 -1.51 -12.71 -0.75
C CYS A 23 -2.99 -12.79 -0.42
N VAL A 24 -3.41 -13.89 0.19
CA VAL A 24 -4.82 -14.18 0.39
C VAL A 24 -5.21 -13.94 1.83
N VAL A 25 -6.51 -13.75 2.04
CA VAL A 25 -7.08 -13.47 3.34
C VAL A 25 -8.36 -14.28 3.48
N TYR A 26 -8.52 -14.95 4.63
CA TYR A 26 -9.66 -15.78 4.92
C TYR A 26 -10.75 -14.96 5.60
N CYS A 27 -11.98 -15.05 5.10
CA CYS A 27 -13.10 -14.37 5.73
C CYS A 27 -13.90 -15.28 6.68
N ASN A 28 -13.79 -14.99 7.98
CA ASN A 28 -14.42 -15.83 9.02
C ASN A 28 -15.91 -16.14 8.82
N THR A 29 -16.66 -15.13 8.41
CA THR A 29 -18.12 -15.26 8.26
C THR A 29 -18.53 -16.15 7.08
N SER A 30 -17.99 -15.89 5.89
CA SER A 30 -18.44 -16.62 4.70
C SER A 30 -17.56 -17.80 4.34
N LYS A 31 -16.49 -17.99 5.11
CA LYS A 31 -15.57 -19.13 5.01
C LYS A 31 -14.91 -19.24 3.63
N LYS A 32 -14.49 -18.10 3.10
CA LYS A 32 -13.88 -18.07 1.76
C LYS A 32 -12.65 -17.19 1.72
N TRP A 33 -11.76 -17.47 0.78
CA TRP A 33 -10.50 -16.74 0.64
C TRP A 33 -10.59 -15.65 -0.44
N PHE A 34 -9.88 -14.55 -0.23
CA PHE A 34 -9.86 -13.42 -1.15
C PHE A 34 -8.48 -12.76 -1.09
N CYS A 35 -7.93 -12.39 -2.24
CA CYS A 35 -6.55 -11.89 -2.34
C CYS A 35 -6.48 -10.40 -2.02
N ASN A 36 -5.26 -9.88 -1.84
CA ASN A 36 -5.03 -8.44 -1.59
C ASN A 36 -4.60 -7.69 -2.86
N GLY A 37 -5.07 -8.17 -4.02
CA GLY A 37 -4.84 -7.51 -5.31
C GLY A 37 -6.14 -6.91 -5.82
N ARG A 38 -6.04 -5.87 -6.64
CA ARG A 38 -7.23 -5.13 -7.10
C ARG A 38 -7.76 -5.48 -8.51
N GLY A 39 -6.99 -6.22 -9.29
CA GLY A 39 -7.43 -6.70 -10.61
C GLY A 39 -8.02 -5.63 -11.51
N ASN A 40 -9.24 -5.85 -11.96
CA ASN A 40 -9.94 -4.88 -12.81
C ASN A 40 -10.83 -3.96 -11.99
N THR A 41 -10.73 -4.06 -10.67
CA THR A 41 -11.59 -3.34 -9.76
C THR A 41 -10.81 -2.27 -9.00
N SER A 42 -11.52 -1.34 -8.39
CA SER A 42 -10.91 -0.16 -7.79
C SER A 42 -10.47 -0.37 -6.34
N GLY A 43 -10.94 -1.44 -5.72
CA GLY A 43 -10.47 -1.84 -4.39
C GLY A 43 -9.90 -3.23 -4.49
N SER A 44 -9.16 -3.67 -3.46
CA SER A 44 -8.62 -5.03 -3.47
C SER A 44 -9.76 -6.01 -3.23
N HIS A 45 -9.50 -7.29 -3.51
CA HIS A 45 -10.59 -8.25 -3.51
C HIS A 45 -11.25 -8.52 -2.15
N ILE A 46 -10.47 -8.76 -1.08
CA ILE A 46 -11.11 -8.95 0.24
C ILE A 46 -11.91 -7.73 0.64
N VAL A 47 -11.34 -6.54 0.42
CA VAL A 47 -12.03 -5.33 0.81
C VAL A 47 -13.36 -5.23 0.05
N ASN A 48 -13.33 -5.50 -1.25
CA ASN A 48 -14.56 -5.53 -2.03
C ASN A 48 -15.57 -6.45 -1.37
N HIS A 49 -15.13 -7.68 -1.10
CA HIS A 49 -15.97 -8.67 -0.43
C HIS A 49 -16.48 -8.18 0.92
N LEU A 50 -15.57 -7.77 1.81
CA LEU A 50 -15.93 -7.29 3.14
C LEU A 50 -16.95 -6.15 3.12
N VAL A 51 -16.84 -5.29 2.10
CA VAL A 51 -17.81 -4.20 1.94
C VAL A 51 -19.14 -4.71 1.39
N ARG A 52 -19.10 -5.47 0.28
CA ARG A 52 -20.33 -5.97 -0.38
C ARG A 52 -21.12 -6.97 0.46
N ALA A 53 -20.44 -7.98 0.99
CA ALA A 53 -21.10 -9.00 1.81
C ALA A 53 -21.42 -8.48 3.24
N LYS A 54 -20.87 -7.32 3.59
CA LYS A 54 -21.09 -6.68 4.91
C LYS A 54 -20.40 -7.45 6.04
N CYS A 55 -19.15 -7.82 5.78
CA CYS A 55 -18.34 -8.64 6.67
C CYS A 55 -17.23 -7.84 7.35
N LYS A 56 -16.70 -8.37 8.44
CA LYS A 56 -15.77 -7.64 9.28
C LYS A 56 -14.56 -8.41 9.78
N GLU A 57 -14.66 -9.74 9.88
CA GLU A 57 -13.63 -10.53 10.57
C GLU A 57 -12.82 -11.38 9.61
N VAL A 58 -11.50 -11.42 9.80
CA VAL A 58 -10.62 -12.20 8.92
C VAL A 58 -9.53 -12.99 9.66
N THR A 59 -8.90 -13.92 8.94
CA THR A 59 -7.76 -14.68 9.45
C THR A 59 -6.68 -14.71 8.37
N LEU A 60 -5.41 -14.65 8.76
CA LEU A 60 -4.31 -14.72 7.79
C LEU A 60 -3.74 -16.15 7.62
N HIS A 61 -3.07 -16.38 6.49
CA HIS A 61 -2.63 -17.73 6.13
C HIS A 61 -1.49 -18.20 7.01
N LYS A 62 -1.49 -19.52 7.28
CA LYS A 62 -0.41 -20.22 7.99
C LYS A 62 0.99 -19.87 7.45
N ASP A 63 1.12 -19.79 6.12
CA ASP A 63 2.39 -19.55 5.43
C ASP A 63 2.68 -18.08 5.14
N GLY A 64 1.76 -17.20 5.53
CA GLY A 64 1.95 -15.75 5.33
C GLY A 64 3.00 -15.15 6.24
N PRO A 65 3.20 -13.81 6.16
CA PRO A 65 4.13 -13.09 7.05
C PRO A 65 3.88 -13.33 8.55
N LEU A 66 2.62 -13.29 8.98
CA LEU A 66 2.33 -13.38 10.41
C LEU A 66 1.83 -14.74 10.91
N GLY A 67 1.94 -15.77 10.07
CA GLY A 67 1.36 -17.08 10.36
C GLY A 67 -0.15 -16.98 10.53
N GLU A 68 -0.77 -18.07 10.97
CA GLU A 68 -2.22 -18.14 11.11
C GLU A 68 -2.69 -17.28 12.28
N THR A 69 -2.97 -16.01 12.00
CA THR A 69 -3.42 -15.05 13.00
C THR A 69 -4.84 -14.60 12.67
N VAL A 70 -5.74 -14.68 13.65
CA VAL A 70 -7.00 -13.96 13.58
C VAL A 70 -6.68 -12.53 13.99
N LEU A 71 -6.97 -11.58 13.10
CA LEU A 71 -6.73 -10.15 13.39
C LEU A 71 -7.76 -9.66 14.39
N GLU A 72 -7.28 -9.27 15.57
CA GLU A 72 -8.16 -8.83 16.65
C GLU A 72 -7.46 -7.86 17.58
N CYS A 73 -8.25 -7.06 18.29
CA CYS A 73 -7.68 -6.06 19.17
C CYS A 73 -7.05 -6.69 20.41
N TYR A 74 -5.78 -6.40 20.62
CA TYR A 74 -5.05 -6.94 21.78
C TYR A 74 -5.76 -6.65 23.11
N ASN A 75 -6.43 -5.51 23.19
CA ASN A 75 -7.08 -5.08 24.43
C ASN A 75 -8.42 -5.74 24.71
N CYS A 76 -9.34 -5.70 23.74
CA CYS A 76 -10.72 -6.11 24.00
C CYS A 76 -11.20 -7.27 23.12
N GLY A 77 -10.33 -7.71 22.20
CA GLY A 77 -10.64 -8.85 21.34
C GLY A 77 -11.63 -8.58 20.21
N CYS A 78 -12.02 -7.32 20.05
CA CYS A 78 -12.86 -6.90 18.93
C CYS A 78 -12.15 -7.18 17.60
N ARG A 79 -12.90 -7.77 16.66
CA ARG A 79 -12.32 -8.29 15.41
C ARG A 79 -12.71 -7.53 14.15
N ASN A 80 -13.42 -6.41 14.31
CA ASN A 80 -13.79 -5.56 13.18
C ASN A 80 -12.55 -4.95 12.51
N VAL A 81 -12.25 -5.42 11.31
CA VAL A 81 -11.00 -4.98 10.65
C VAL A 81 -11.03 -3.51 10.22
N PHE A 82 -12.22 -2.95 10.02
CA PHE A 82 -12.36 -1.54 9.65
C PHE A 82 -12.04 -0.56 10.79
N LEU A 83 -11.95 -1.08 12.00
CA LEU A 83 -11.72 -0.28 13.20
C LEU A 83 -10.28 -0.47 13.71
N LEU A 84 -9.71 -1.64 13.42
CA LEU A 84 -8.37 -1.99 13.88
C LEU A 84 -7.28 -1.26 13.14
N GLY A 85 -6.19 -1.01 13.87
CA GLY A 85 -4.99 -0.39 13.34
C GLY A 85 -3.80 -0.88 14.16
N PHE A 86 -2.60 -0.50 13.76
CA PHE A 86 -1.42 -0.98 14.45
C PHE A 86 -0.61 0.16 15.05
N ILE A 87 0.00 -0.11 16.20
CA ILE A 87 0.98 0.79 16.78
C ILE A 87 2.33 0.12 16.89
N PRO A 88 3.36 0.67 16.22
CA PRO A 88 4.71 0.14 16.41
C PRO A 88 5.28 0.46 17.79
N ALA A 89 6.11 -0.47 18.25
CA ALA A 89 6.91 -0.33 19.45
C ALA A 89 8.15 0.45 19.08
N LYS A 90 8.59 1.30 19.99
CA LYS A 90 9.79 2.10 19.77
C LYS A 90 11.07 1.27 19.94
N ALA A 91 12.02 1.46 19.03
CA ALA A 91 13.28 0.67 18.97
C ALA A 91 13.08 -0.84 19.10
N ASP A 92 12.17 -1.38 18.31
CA ASP A 92 11.77 -2.80 18.37
C ASP A 92 10.70 -3.05 17.32
N SER A 93 10.68 -4.25 16.77
CA SER A 93 9.60 -4.64 15.85
C SER A 93 8.73 -5.75 16.45
N VAL A 94 7.97 -5.36 17.47
CA VAL A 94 6.94 -6.17 18.08
C VAL A 94 5.72 -5.25 18.17
N VAL A 95 5.01 -5.16 17.05
CA VAL A 95 3.83 -4.33 16.81
C VAL A 95 2.62 -4.81 17.62
N VAL A 96 1.70 -3.90 17.94
CA VAL A 96 0.43 -4.29 18.59
C VAL A 96 -0.76 -3.77 17.81
N LEU A 97 -1.84 -4.55 17.81
CA LEU A 97 -3.08 -4.19 17.11
C LEU A 97 -4.18 -3.74 18.08
N LEU A 98 -4.70 -2.54 17.86
CA LEU A 98 -5.70 -1.96 18.74
C LEU A 98 -6.82 -1.24 18.01
N CYS A 99 -8.01 -1.24 18.61
CA CYS A 99 -9.15 -0.43 18.15
C CYS A 99 -8.73 1.04 18.09
N ARG A 100 -9.17 1.76 17.05
CA ARG A 100 -8.98 3.21 17.02
C ARG A 100 -9.52 3.83 18.29
N GLN A 101 -10.72 3.39 18.69
CA GLN A 101 -11.35 3.82 19.93
C GLN A 101 -12.03 2.63 20.61
N PRO A 102 -11.95 2.54 21.94
CA PRO A 102 -11.24 3.46 22.82
C PRO A 102 -9.80 3.01 23.11
N CYS A 103 -9.43 1.86 22.54
CA CYS A 103 -8.25 1.11 22.98
C CYS A 103 -6.93 1.76 22.58
N ALA A 104 -6.94 2.51 21.49
CA ALA A 104 -5.73 3.22 21.03
C ALA A 104 -5.75 4.71 21.37
N SER A 105 -6.56 5.10 22.35
CA SER A 105 -6.56 6.49 22.78
C SER A 105 -5.50 6.71 23.84
N GLN A 106 -5.02 7.95 23.91
CA GLN A 106 -4.12 8.39 24.96
C GLN A 106 -4.73 8.31 26.36
N SER A 107 -6.06 8.19 26.45
CA SER A 107 -6.76 7.93 27.72
C SER A 107 -6.52 6.49 28.19
N SER A 108 -6.60 5.55 27.25
CA SER A 108 -6.39 4.15 27.56
C SER A 108 -4.91 3.78 27.67
N LEU A 109 -4.12 4.22 26.70
CA LEU A 109 -2.71 3.82 26.65
C LEU A 109 -1.84 4.57 27.65
N LYS A 110 -2.18 5.85 27.87
CA LYS A 110 -1.53 6.70 28.88
C LYS A 110 -0.01 6.81 28.73
N ASP A 111 0.48 6.35 27.59
CA ASP A 111 1.92 6.21 27.29
C ASP A 111 2.66 5.24 28.22
N ILE A 112 1.93 4.27 28.77
CA ILE A 112 2.55 3.28 29.65
C ILE A 112 3.44 2.34 28.84
N ASN A 113 2.88 1.78 27.78
CA ASN A 113 3.56 0.78 26.96
C ASN A 113 3.59 1.10 25.46
N TRP A 114 2.59 1.83 24.99
CA TRP A 114 2.45 2.16 23.56
C TRP A 114 2.19 3.64 23.35
N ASP A 115 2.75 4.19 22.27
CA ASP A 115 2.54 5.60 21.90
C ASP A 115 1.34 5.81 20.96
N SER A 116 0.22 6.29 21.51
CA SER A 116 -1.07 6.35 20.79
C SER A 116 -1.03 7.14 19.46
N SER A 117 -0.30 8.25 19.46
CA SER A 117 -0.20 9.11 18.28
C SER A 117 0.38 8.37 17.06
N GLN A 118 0.77 7.12 17.26
CA GLN A 118 1.49 6.35 16.26
C GLN A 118 0.60 5.32 15.55
N TRP A 119 -0.68 5.38 15.84
CA TRP A 119 -1.69 4.45 15.31
C TRP A 119 -1.95 4.69 13.83
N GLN A 120 -2.20 3.61 13.11
CA GLN A 120 -2.48 3.66 11.67
C GLN A 120 -3.41 2.51 11.31
N PRO A 121 -4.44 2.78 10.46
CA PRO A 121 -5.45 1.75 10.12
C PRO A 121 -4.83 0.52 9.47
N LEU A 122 -5.48 -0.65 9.61
CA LEU A 122 -4.99 -1.86 8.95
C LEU A 122 -5.32 -1.80 7.47
N ILE A 123 -6.44 -1.17 7.15
CA ILE A 123 -6.89 -0.99 5.78
C ILE A 123 -6.68 0.46 5.33
N GLN A 124 -5.88 0.61 4.28
CA GLN A 124 -5.65 1.90 3.66
C GLN A 124 -5.70 1.72 2.17
N ASP A 125 -6.24 2.72 1.48
CA ASP A 125 -6.26 2.72 0.02
C ASP A 125 -7.11 1.56 -0.50
N ARG A 126 -8.15 1.23 0.25
CA ARG A 126 -9.03 0.09 0.01
C ARG A 126 -8.30 -1.26 -0.09
N CYS A 127 -7.33 -1.47 0.80
CA CYS A 127 -6.72 -2.80 0.97
C CYS A 127 -5.85 -2.89 2.21
N PHE A 128 -5.40 -4.11 2.54
CA PHE A 128 -4.59 -4.31 3.74
C PHE A 128 -3.16 -3.85 3.48
N LEU A 129 -2.45 -3.44 4.52
CA LEU A 129 -1.06 -3.03 4.43
C LEU A 129 -0.19 -4.19 3.98
N SER A 130 0.73 -3.91 3.05
CA SER A 130 1.54 -4.94 2.38
C SER A 130 2.30 -5.89 3.32
N TRP A 131 2.75 -5.42 4.48
CA TRP A 131 3.44 -6.30 5.41
C TRP A 131 2.50 -7.28 6.15
N LEU A 132 1.20 -6.96 6.19
CA LEU A 132 0.23 -7.91 6.74
C LEU A 132 -0.11 -8.95 5.68
N VAL A 133 -0.52 -8.47 4.51
CA VAL A 133 -0.84 -9.31 3.38
C VAL A 133 -0.18 -8.74 2.14
N LYS A 134 0.79 -9.46 1.59
CA LYS A 134 1.52 -9.02 0.39
C LYS A 134 0.62 -8.79 -0.84
N ILE A 135 0.98 -7.81 -1.65
CA ILE A 135 0.23 -7.49 -2.85
C ILE A 135 0.76 -8.34 -4.02
N PRO A 136 -0.14 -9.13 -4.66
CA PRO A 136 0.22 -9.97 -5.81
C PRO A 136 0.92 -9.21 -6.91
N SER A 137 1.88 -9.86 -7.55
CA SER A 137 2.64 -9.23 -8.63
C SER A 137 1.79 -8.95 -9.86
N GLU A 138 2.24 -7.94 -10.60
CA GLU A 138 1.75 -7.52 -11.89
C GLU A 138 1.35 -8.69 -12.82
N GLN A 139 2.24 -9.66 -13.00
CA GLN A 139 1.98 -10.81 -13.89
C GLN A 139 1.17 -11.94 -13.27
N GLU A 140 1.18 -12.02 -11.93
CA GLU A 140 0.35 -13.00 -11.25
C GLU A 140 -1.10 -12.56 -11.27
N GLN A 141 -1.32 -11.25 -11.31
CA GLN A 141 -2.66 -10.67 -11.40
C GLN A 141 -3.23 -10.81 -12.81
N LEU A 142 -2.36 -10.89 -13.80
CA LEU A 142 -2.76 -11.08 -15.19
C LEU A 142 -3.17 -12.53 -15.50
N ARG A 143 -2.55 -13.47 -14.80
CA ARG A 143 -2.83 -14.90 -15.00
C ARG A 143 -4.18 -15.32 -14.40
N ALA A 144 -4.69 -14.52 -13.47
CA ALA A 144 -5.94 -14.83 -12.77
C ALA A 144 -7.16 -14.53 -13.63
N ARG A 145 -8.35 -14.87 -13.13
CA ARG A 145 -9.60 -14.52 -13.79
C ARG A 145 -9.84 -13.01 -13.83
N GLN A 146 -9.98 -12.50 -15.04
CA GLN A 146 -10.13 -11.06 -15.25
C GLN A 146 -11.57 -10.69 -15.02
N ILE A 147 -11.91 -10.59 -13.74
CA ILE A 147 -13.27 -10.32 -13.29
C ILE A 147 -13.48 -8.81 -13.16
N THR A 148 -14.70 -8.34 -13.45
CA THR A 148 -15.04 -6.93 -13.32
C THR A 148 -15.83 -6.68 -12.05
N ALA A 149 -16.07 -5.41 -11.75
CA ALA A 149 -16.86 -5.01 -10.58
C ALA A 149 -18.32 -5.50 -10.64
N GLN A 150 -18.86 -5.65 -11.85
CA GLN A 150 -20.25 -6.09 -12.00
C GLN A 150 -20.44 -7.59 -11.84
N GLN A 151 -19.44 -8.37 -12.27
CA GLN A 151 -19.46 -9.81 -12.05
C GLN A 151 -19.29 -10.16 -10.57
N ILE A 152 -18.49 -9.38 -9.84
CA ILE A 152 -18.38 -9.50 -8.38
C ILE A 152 -19.77 -9.39 -7.77
N ASN A 153 -20.47 -8.29 -8.05
CA ASN A 153 -21.78 -8.02 -7.47
C ASN A 153 -22.77 -9.12 -7.74
N LYS A 154 -22.68 -9.74 -8.93
CA LYS A 154 -23.56 -10.84 -9.30
C LYS A 154 -23.14 -12.16 -8.62
N LEU A 155 -21.83 -12.41 -8.56
CA LEU A 155 -21.28 -13.59 -7.91
C LEU A 155 -21.63 -13.58 -6.42
N GLU A 156 -21.56 -12.40 -5.84
CA GLU A 156 -21.87 -12.19 -4.42
C GLU A 156 -23.33 -12.51 -4.14
N GLU A 157 -24.21 -12.07 -5.04
CA GLU A 157 -25.63 -12.32 -4.92
C GLU A 157 -25.98 -13.79 -5.16
N LEU A 158 -25.31 -14.39 -6.15
CA LEU A 158 -25.41 -15.82 -6.46
C LEU A 158 -24.99 -16.67 -5.26
N TRP A 159 -24.14 -16.13 -4.40
CA TRP A 159 -23.71 -16.81 -3.18
C TRP A 159 -24.74 -16.72 -2.06
N LYS A 160 -25.21 -15.49 -1.78
CA LYS A 160 -26.19 -15.28 -0.72
C LYS A 160 -27.54 -15.96 -0.97
N GLU A 161 -27.71 -16.50 -2.19
CA GLU A 161 -28.83 -17.40 -2.52
C GLU A 161 -28.75 -18.69 -1.71
N ASN A 162 -27.52 -19.10 -1.36
CA ASN A 162 -27.25 -20.34 -0.63
C ASN A 162 -27.08 -20.13 0.88
N LEU B 8 -2.28 28.53 -2.84
CA LEU B 8 -1.76 27.13 -3.04
C LEU B 8 -0.23 27.03 -2.98
N PRO B 9 0.31 26.19 -2.07
CA PRO B 9 1.76 26.17 -1.86
C PRO B 9 2.53 25.64 -3.07
N ILE B 10 3.84 25.82 -3.07
CA ILE B 10 4.67 25.40 -4.21
C ILE B 10 4.63 23.88 -4.40
N HIS B 11 4.46 23.15 -3.31
CA HIS B 11 4.55 21.70 -3.34
C HIS B 11 3.18 21.02 -3.51
N ALA B 12 2.17 21.78 -3.92
CA ALA B 12 0.84 21.22 -4.19
C ALA B 12 0.84 20.35 -5.45
N CYS B 13 0.16 19.21 -5.37
CA CYS B 13 0.07 18.32 -6.53
C CYS B 13 -0.36 19.06 -7.78
N SER B 14 0.42 18.92 -8.85
CA SER B 14 0.13 19.58 -10.11
C SER B 14 -1.11 19.06 -10.82
N TYR B 15 -1.73 17.98 -10.31
CA TYR B 15 -3.00 17.49 -10.87
C TYR B 15 -4.23 17.99 -10.09
N CYS B 16 -4.22 17.79 -8.78
CA CYS B 16 -5.41 18.01 -7.96
C CYS B 16 -5.28 19.14 -6.95
N GLY B 17 -4.06 19.44 -6.53
CA GLY B 17 -3.82 20.52 -5.57
C GLY B 17 -3.65 20.13 -4.11
N ILE B 18 -3.62 18.83 -3.82
CA ILE B 18 -3.33 18.36 -2.47
C ILE B 18 -1.93 18.84 -2.10
N HIS B 19 -1.79 19.40 -0.90
CA HIS B 19 -0.51 19.98 -0.47
C HIS B 19 0.03 19.51 0.90
N ASP B 20 -0.48 18.39 1.40
CA ASP B 20 0.09 17.77 2.61
C ASP B 20 1.54 17.35 2.31
N PRO B 21 2.52 17.95 3.02
CA PRO B 21 3.94 17.67 2.73
C PRO B 21 4.31 16.19 2.73
N ALA B 22 3.60 15.38 3.51
CA ALA B 22 3.86 13.94 3.59
C ALA B 22 3.36 13.17 2.36
N CYS B 23 2.50 13.80 1.56
CA CYS B 23 1.73 13.10 0.54
C CYS B 23 2.22 13.31 -0.86
N VAL B 24 3.07 14.32 -1.01
CA VAL B 24 3.51 14.76 -2.32
C VAL B 24 4.92 14.28 -2.65
N VAL B 25 5.20 14.19 -3.95
CA VAL B 25 6.49 13.74 -4.46
C VAL B 25 6.96 14.67 -5.58
N TYR B 26 8.24 15.05 -5.53
CA TYR B 26 8.80 16.01 -6.46
C TYR B 26 9.42 15.28 -7.64
N CYS B 27 9.11 15.70 -8.85
CA CYS B 27 9.70 15.08 -10.02
C CYS B 27 10.93 15.82 -10.54
N ASN B 28 12.11 15.23 -10.38
CA ASN B 28 13.37 15.88 -10.75
C ASN B 28 13.43 16.44 -12.17
N THR B 29 12.89 15.69 -13.12
CA THR B 29 12.97 16.07 -14.54
C THR B 29 12.06 17.25 -14.90
N SER B 30 10.78 17.16 -14.55
CA SER B 30 9.82 18.19 -14.95
C SER B 30 9.58 19.31 -13.89
N LYS B 31 10.24 19.15 -12.74
CA LYS B 31 10.28 20.14 -11.65
C LYS B 31 8.90 20.45 -11.07
N LYS B 32 8.09 19.42 -10.90
CA LYS B 32 6.74 19.60 -10.41
C LYS B 32 6.39 18.57 -9.34
N TRP B 33 5.41 18.90 -8.51
CA TRP B 33 4.97 18.02 -7.44
C TRP B 33 3.69 17.25 -7.81
N PHE B 34 3.59 16.02 -7.29
CA PHE B 34 2.44 15.16 -7.54
C PHE B 34 2.20 14.33 -6.27
N CYS B 35 0.93 14.13 -5.91
CA CYS B 35 0.62 13.43 -4.66
C CYS B 35 0.58 11.93 -4.86
N ASN B 36 0.52 11.19 -3.75
CA ASN B 36 0.43 9.72 -3.76
C ASN B 36 -1.03 9.21 -3.57
N GLY B 37 -1.99 10.03 -3.99
CA GLY B 37 -3.40 9.63 -4.03
C GLY B 37 -3.84 9.30 -5.43
N ARG B 38 -4.90 8.50 -5.59
CA ARG B 38 -5.34 8.07 -6.92
C ARG B 38 -6.56 8.82 -7.50
N GLY B 39 -7.26 9.59 -6.68
CA GLY B 39 -8.41 10.39 -7.14
C GLY B 39 -9.41 9.62 -7.99
N ASN B 40 -9.71 10.15 -9.17
CA ASN B 40 -10.63 9.51 -10.11
C ASN B 40 -9.93 8.55 -11.07
N THR B 41 -8.64 8.32 -10.83
CA THR B 41 -7.81 7.57 -11.77
C THR B 41 -7.41 6.26 -11.13
N SER B 42 -6.86 5.34 -11.94
CA SER B 42 -6.62 3.98 -11.47
C SER B 42 -5.24 3.82 -10.84
N GLY B 43 -4.36 4.78 -11.10
CA GLY B 43 -3.03 4.82 -10.46
C GLY B 43 -2.91 6.10 -9.63
N SER B 44 -1.88 6.18 -8.79
CA SER B 44 -1.64 7.40 -8.02
C SER B 44 -1.07 8.45 -8.94
N HIS B 45 -1.10 9.70 -8.48
CA HIS B 45 -0.80 10.80 -9.36
C HIS B 45 0.65 10.88 -9.86
N ILE B 46 1.65 10.80 -8.97
CA ILE B 46 3.05 10.73 -9.45
C ILE B 46 3.26 9.56 -10.40
N VAL B 47 2.72 8.39 -10.04
CA VAL B 47 2.96 7.24 -10.88
C VAL B 47 2.35 7.50 -12.26
N ASN B 48 1.14 8.08 -12.29
CA ASN B 48 0.55 8.43 -13.59
C ASN B 48 1.51 9.33 -14.35
N HIS B 49 1.95 10.40 -13.68
CA HIS B 49 2.89 11.33 -14.27
C HIS B 49 4.18 10.65 -14.75
N LEU B 50 4.86 9.92 -13.87
CA LEU B 50 6.10 9.24 -14.21
C LEU B 50 5.94 8.33 -15.42
N VAL B 51 4.78 7.71 -15.57
CA VAL B 51 4.54 6.81 -16.70
C VAL B 51 4.27 7.60 -17.98
N ARG B 52 3.33 8.55 -17.92
CA ARG B 52 2.93 9.37 -19.07
C ARG B 52 4.05 10.25 -19.61
N ALA B 53 4.69 11.00 -18.72
CA ALA B 53 5.77 11.91 -19.09
C ALA B 53 7.07 11.17 -19.37
N LYS B 54 7.12 9.88 -19.05
CA LYS B 54 8.31 9.01 -19.24
C LYS B 54 9.48 9.43 -18.34
N CYS B 55 9.19 9.59 -17.06
CA CYS B 55 10.15 10.05 -16.06
C CYS B 55 10.46 8.98 -15.02
N LYS B 56 11.56 9.18 -14.31
CA LYS B 56 12.13 8.12 -13.48
C LYS B 56 12.65 8.55 -12.10
N GLU B 57 13.06 9.83 -11.96
CA GLU B 57 13.73 10.31 -10.74
C GLU B 57 12.88 11.23 -9.91
N VAL B 58 12.90 11.05 -8.59
CA VAL B 58 12.10 11.87 -7.65
C VAL B 58 12.84 12.31 -6.38
N THR B 59 12.24 13.27 -5.66
CA THR B 59 12.74 13.73 -4.36
C THR B 59 11.57 13.85 -3.39
N LEU B 60 11.78 13.47 -2.13
CA LEU B 60 10.72 13.57 -1.12
C LEU B 60 10.78 14.90 -0.37
N HIS B 61 9.66 15.31 0.22
CA HIS B 61 9.55 16.62 0.86
C HIS B 61 10.35 16.68 2.15
N LYS B 62 10.85 17.89 2.43
CA LYS B 62 11.56 18.25 3.67
C LYS B 62 10.80 17.83 4.93
N ASP B 63 9.49 18.02 4.92
CA ASP B 63 8.63 17.73 6.08
C ASP B 63 8.05 16.32 6.12
N GLY B 64 8.33 15.53 5.08
CA GLY B 64 7.81 14.18 4.99
C GLY B 64 8.44 13.22 5.99
N PRO B 65 8.05 11.93 5.93
CA PRO B 65 8.65 10.89 6.79
C PRO B 65 10.18 10.86 6.73
N LEU B 66 10.75 10.90 5.53
CA LEU B 66 12.19 10.69 5.39
C LEU B 66 13.03 11.97 5.19
N GLY B 67 12.40 13.13 5.38
CA GLY B 67 13.03 14.41 5.07
C GLY B 67 13.29 14.54 3.57
N GLU B 68 14.01 15.59 3.18
CA GLU B 68 14.34 15.83 1.78
C GLU B 68 15.41 14.86 1.25
N THR B 69 14.95 13.72 0.74
CA THR B 69 15.79 12.64 0.24
C THR B 69 15.52 12.48 -1.25
N VAL B 70 16.59 12.42 -2.04
CA VAL B 70 16.49 11.96 -3.42
C VAL B 70 16.59 10.45 -3.35
N LEU B 71 15.57 9.75 -3.83
CA LEU B 71 15.54 8.28 -3.80
C LEU B 71 16.53 7.74 -4.81
N GLU B 72 17.52 7.01 -4.31
CA GLU B 72 18.57 6.47 -5.15
C GLU B 72 19.17 5.21 -4.54
N CYS B 73 19.80 4.39 -5.38
CA CYS B 73 20.42 3.17 -4.91
C CYS B 73 21.68 3.42 -4.09
N TYR B 74 21.69 2.88 -2.88
CA TYR B 74 22.81 3.02 -1.97
C TYR B 74 24.12 2.54 -2.60
N ASN B 75 24.05 1.51 -3.43
CA ASN B 75 25.23 0.94 -4.05
C ASN B 75 25.78 1.76 -5.20
N CYS B 76 24.97 2.02 -6.22
CA CYS B 76 25.43 2.60 -7.49
C CYS B 76 24.88 3.98 -7.83
N GLY B 77 24.03 4.51 -6.95
CA GLY B 77 23.45 5.84 -7.14
C GLY B 77 22.36 5.94 -8.21
N CYS B 78 21.99 4.81 -8.82
CA CYS B 78 20.95 4.79 -9.84
C CYS B 78 19.63 5.28 -9.22
N ARG B 79 18.92 6.13 -9.97
CA ARG B 79 17.77 6.85 -9.42
C ARG B 79 16.42 6.44 -10.02
N ASN B 80 16.44 5.49 -10.94
CA ASN B 80 15.22 5.00 -11.56
C ASN B 80 14.30 4.36 -10.52
N VAL B 81 13.20 5.02 -10.20
CA VAL B 81 12.32 4.54 -9.13
C VAL B 81 11.59 3.23 -9.47
N PHE B 82 11.55 2.88 -10.75
CA PHE B 82 10.85 1.66 -11.17
C PHE B 82 11.69 0.41 -10.92
N LEU B 83 12.97 0.64 -10.63
CA LEU B 83 13.93 -0.45 -10.41
C LEU B 83 14.30 -0.57 -8.93
N LEU B 84 14.17 0.53 -8.19
CA LEU B 84 14.53 0.56 -6.77
C LEU B 84 13.53 -0.15 -5.88
N GLY B 85 14.05 -0.77 -4.83
CA GLY B 85 13.27 -1.41 -3.79
C GLY B 85 14.02 -1.31 -2.49
N PHE B 86 13.40 -1.74 -1.38
CA PHE B 86 14.05 -1.61 -0.08
C PHE B 86 14.28 -2.96 0.56
N ILE B 87 15.33 -3.05 1.37
CA ILE B 87 15.59 -4.26 2.15
C ILE B 87 15.74 -3.87 3.60
N PRO B 88 14.91 -4.43 4.48
CA PRO B 88 15.09 -4.17 5.90
C PRO B 88 16.28 -5.00 6.37
N ALA B 89 17.05 -4.54 7.35
CA ALA B 89 18.23 -5.30 7.79
C ALA B 89 17.81 -6.42 8.71
N LYS B 90 18.70 -7.36 8.99
CA LYS B 90 18.39 -8.43 9.93
C LYS B 90 18.49 -7.98 11.42
N ALA B 91 17.39 -8.19 12.15
CA ALA B 91 17.20 -7.72 13.55
C ALA B 91 17.68 -6.29 13.86
N ASP B 92 17.17 -5.32 13.08
CA ASP B 92 17.71 -3.96 13.05
C ASP B 92 16.75 -3.04 12.28
N SER B 93 16.30 -1.98 12.96
CA SER B 93 15.32 -1.05 12.35
C SER B 93 15.97 -0.04 11.39
N VAL B 94 16.74 -0.55 10.43
CA VAL B 94 17.42 0.27 9.43
C VAL B 94 17.16 -0.28 8.03
N VAL B 95 16.67 0.59 7.14
CA VAL B 95 16.32 0.18 5.79
C VAL B 95 17.33 0.69 4.78
N VAL B 96 17.58 -0.11 3.73
CA VAL B 96 18.45 0.31 2.63
C VAL B 96 17.74 0.16 1.29
N LEU B 97 17.99 1.09 0.37
CA LEU B 97 17.36 1.07 -0.95
C LEU B 97 18.36 0.59 -1.99
N LEU B 98 17.97 -0.39 -2.78
CA LEU B 98 18.87 -0.99 -3.76
C LEU B 98 18.16 -1.34 -5.08
N CYS B 99 18.91 -1.30 -6.18
CA CYS B 99 18.43 -1.78 -7.46
C CYS B 99 18.05 -3.26 -7.35
N ARG B 100 16.92 -3.65 -7.95
CA ARG B 100 16.57 -5.07 -8.01
C ARG B 100 17.74 -5.86 -8.54
N GLN B 101 18.37 -5.35 -9.60
CA GLN B 101 19.56 -5.94 -10.22
C GLN B 101 20.56 -4.86 -10.67
N PRO B 102 21.86 -5.08 -10.44
CA PRO B 102 22.44 -6.25 -9.80
C PRO B 102 22.65 -6.10 -8.30
N CYS B 103 22.28 -4.93 -7.77
CA CYS B 103 22.70 -4.51 -6.43
C CYS B 103 22.04 -5.27 -5.29
N ALA B 104 20.82 -5.75 -5.51
CA ALA B 104 20.07 -6.47 -4.49
C ALA B 104 20.07 -7.99 -4.71
N SER B 105 21.09 -8.48 -5.41
CA SER B 105 21.32 -9.89 -5.58
C SER B 105 22.08 -10.45 -4.36
N GLN B 106 21.76 -11.67 -3.96
CA GLN B 106 22.47 -12.29 -2.83
C GLN B 106 23.95 -12.32 -3.09
N SER B 107 24.30 -12.26 -4.38
CA SER B 107 25.66 -12.25 -4.85
C SER B 107 26.36 -10.95 -4.46
N SER B 108 25.61 -9.85 -4.44
CA SER B 108 26.13 -8.52 -4.15
C SER B 108 25.98 -8.08 -2.67
N LEU B 109 25.36 -8.93 -1.87
CA LEU B 109 25.03 -8.60 -0.48
C LEU B 109 25.72 -9.57 0.47
N LYS B 110 25.94 -9.14 1.72
CA LYS B 110 26.42 -10.00 2.80
C LYS B 110 25.26 -10.78 3.43
N ASP B 111 25.29 -12.10 3.30
CA ASP B 111 24.21 -12.99 3.76
C ASP B 111 23.78 -12.70 5.20
N ILE B 112 24.80 -12.48 6.03
CA ILE B 112 24.71 -12.34 7.47
C ILE B 112 23.82 -11.17 7.95
N ASN B 113 23.74 -10.10 7.14
CA ASN B 113 22.89 -8.96 7.48
C ASN B 113 21.76 -8.67 6.48
N TRP B 114 21.96 -9.06 5.22
CA TRP B 114 20.99 -8.73 4.16
C TRP B 114 20.40 -9.96 3.49
N ASP B 115 19.09 -10.14 3.62
CA ASP B 115 18.40 -11.24 2.94
C ASP B 115 17.78 -10.71 1.66
N SER B 116 18.29 -11.17 0.53
CA SER B 116 17.87 -10.74 -0.79
C SER B 116 16.37 -11.04 -1.05
N SER B 117 15.83 -12.06 -0.39
CA SER B 117 14.41 -12.35 -0.53
C SER B 117 13.52 -11.23 0.01
N GLN B 118 14.04 -10.48 0.98
CA GLN B 118 13.26 -9.46 1.65
C GLN B 118 13.11 -8.18 0.83
N TRP B 119 13.78 -8.13 -0.33
CA TRP B 119 13.69 -6.98 -1.24
C TRP B 119 12.25 -6.85 -1.68
N GLN B 120 11.81 -5.62 -1.84
CA GLN B 120 10.45 -5.31 -2.23
C GLN B 120 10.47 -3.98 -2.93
N PRO B 121 9.72 -3.87 -4.04
CA PRO B 121 9.74 -2.66 -4.89
C PRO B 121 9.29 -1.41 -4.13
N LEU B 122 9.78 -0.24 -4.51
CA LEU B 122 9.29 1.01 -3.91
C LEU B 122 7.89 1.36 -4.42
N ILE B 123 7.60 0.94 -5.64
CA ILE B 123 6.28 1.15 -6.23
C ILE B 123 5.51 -0.17 -6.32
N GLN B 124 4.38 -0.22 -5.63
CA GLN B 124 3.45 -1.34 -5.66
C GLN B 124 2.04 -0.83 -5.83
N ASP B 125 1.22 -1.58 -6.56
CA ASP B 125 -0.17 -1.22 -6.73
C ASP B 125 -0.34 0.17 -7.41
N ARG B 126 0.62 0.48 -8.27
CA ARG B 126 0.72 1.76 -9.00
C ARG B 126 0.85 2.99 -8.08
N CYS B 127 1.64 2.85 -7.02
CA CYS B 127 1.98 3.99 -6.16
C CYS B 127 3.15 3.68 -5.21
N PHE B 128 3.62 4.69 -4.48
CA PHE B 128 4.74 4.50 -3.54
C PHE B 128 4.22 3.95 -2.23
N LEU B 129 5.07 3.19 -1.54
CA LEU B 129 4.73 2.59 -0.24
C LEU B 129 4.41 3.66 0.79
N SER B 130 3.32 3.44 1.53
CA SER B 130 2.78 4.48 2.41
C SER B 130 3.78 5.06 3.44
N TRP B 131 4.76 4.27 3.87
CA TRP B 131 5.76 4.80 4.81
C TRP B 131 6.80 5.72 4.14
N LEU B 132 6.91 5.66 2.81
CA LEU B 132 7.76 6.57 2.07
C LEU B 132 6.98 7.84 1.81
N VAL B 133 5.78 7.67 1.26
CA VAL B 133 4.93 8.80 0.98
C VAL B 133 3.53 8.41 1.42
N LYS B 134 2.99 9.14 2.40
CA LYS B 134 1.66 8.84 2.96
C LYS B 134 0.53 9.04 1.96
N ILE B 135 -0.50 8.19 2.06
CA ILE B 135 -1.64 8.29 1.16
C ILE B 135 -2.67 9.27 1.73
N PRO B 136 -3.01 10.32 0.94
CA PRO B 136 -4.01 11.32 1.36
C PRO B 136 -5.31 10.69 1.81
N SER B 137 -5.96 11.30 2.79
CA SER B 137 -7.21 10.78 3.32
C SER B 137 -8.36 10.90 2.32
N GLU B 138 -9.40 10.10 2.56
CA GLU B 138 -10.69 10.17 1.85
C GLU B 138 -11.18 11.57 1.55
N GLN B 139 -11.31 12.37 2.60
CA GLN B 139 -11.92 13.69 2.48
C GLN B 139 -10.97 14.74 1.94
N GLU B 140 -9.67 14.51 2.08
CA GLU B 140 -8.69 15.41 1.50
C GLU B 140 -8.63 15.21 -0.02
N GLN B 141 -8.89 13.99 -0.45
CA GLN B 141 -8.96 13.64 -1.89
C GLN B 141 -10.24 14.15 -2.54
N LEU B 142 -11.29 14.33 -1.74
CA LEU B 142 -12.55 14.90 -2.22
C LEU B 142 -12.52 16.42 -2.39
N ARG B 143 -11.73 17.10 -1.56
CA ARG B 143 -11.57 18.56 -1.61
C ARG B 143 -10.72 19.03 -2.79
N ALA B 144 -9.94 18.13 -3.36
CA ALA B 144 -9.04 18.46 -4.46
C ALA B 144 -9.79 18.56 -5.79
N ARG B 145 -9.10 19.01 -6.84
CA ARG B 145 -9.64 18.97 -8.20
C ARG B 145 -9.95 17.56 -8.68
N GLN B 146 -11.22 17.33 -8.98
CA GLN B 146 -11.69 16.03 -9.42
C GLN B 146 -11.34 15.85 -10.89
N ILE B 147 -10.09 15.49 -11.12
CA ILE B 147 -9.54 15.32 -12.46
C ILE B 147 -9.71 13.86 -12.91
N THR B 148 -9.98 13.66 -14.20
CA THR B 148 -10.06 12.32 -14.79
C THR B 148 -8.76 11.92 -15.49
N ALA B 149 -8.71 10.68 -15.97
CA ALA B 149 -7.57 10.15 -16.72
C ALA B 149 -7.38 10.83 -18.07
N GLN B 150 -8.46 11.33 -18.67
CA GLN B 150 -8.33 12.00 -19.95
C GLN B 150 -7.80 13.44 -19.83
N GLN B 151 -8.22 14.13 -18.78
CA GLN B 151 -7.72 15.49 -18.51
C GLN B 151 -6.23 15.50 -18.15
N ILE B 152 -5.78 14.46 -17.45
CA ILE B 152 -4.36 14.24 -17.20
C ILE B 152 -3.61 14.21 -18.53
N ASN B 153 -4.04 13.32 -19.43
CA ASN B 153 -3.38 13.14 -20.72
C ASN B 153 -3.29 14.42 -21.55
N LYS B 154 -4.32 15.26 -21.46
CA LYS B 154 -4.34 16.54 -22.14
C LYS B 154 -3.46 17.59 -21.44
N LEU B 155 -3.53 17.62 -20.11
CA LEU B 155 -2.71 18.54 -19.31
C LEU B 155 -1.23 18.24 -19.50
N GLU B 156 -0.90 16.96 -19.58
CA GLU B 156 0.47 16.52 -19.82
C GLU B 156 0.97 17.01 -21.18
N GLU B 157 0.13 16.89 -22.20
CA GLU B 157 0.48 17.31 -23.56
C GLU B 157 0.58 18.83 -23.67
N LEU B 158 -0.35 19.52 -23.00
CA LEU B 158 -0.33 20.98 -22.85
C LEU B 158 0.97 21.47 -22.20
N TRP B 159 1.58 20.63 -21.38
CA TRP B 159 2.84 20.97 -20.73
C TRP B 159 4.01 20.81 -21.70
N LYS B 160 3.99 19.75 -22.49
CA LYS B 160 5.06 19.45 -23.45
C LYS B 160 5.35 20.61 -24.41
N GLU B 161 4.44 21.56 -24.49
CA GLU B 161 4.54 22.66 -25.44
C GLU B 161 5.00 24.00 -24.81
N ASN B 162 5.40 23.95 -23.53
CA ASN B 162 5.98 25.12 -22.85
C ASN B 162 6.90 24.72 -21.69
ZN ZN C . -8.36 -12.08 -6.21
ZN ZN D . -17.49 -12.60 4.10
ZN ZN E . -10.23 -2.93 21.35
ZN ZN F . -2.84 14.73 -6.85
ZN ZN G . 8.41 14.21 -14.78
ZN ZN H . 22.18 0.04 -7.80
#